data_9FCK
# 
_entry.id   9FCK 
# 
_audit_conform.dict_name       mmcif_pdbx.dic 
_audit_conform.dict_version    5.398 
_audit_conform.dict_location   http://mmcif.pdb.org/dictionaries/ascii/mmcif_pdbx.dic 
# 
loop_
_database_2.database_id 
_database_2.database_code 
_database_2.pdbx_database_accession 
_database_2.pdbx_DOI 
PDB   9FCK         pdb_00009fck 10.2210/pdb9fck/pdb 
WWPDB D_1292138625 ?            ?                   
EMDB  EMD-50318    ?            ?                   
# 
loop_
_pdbx_audit_revision_history.ordinal 
_pdbx_audit_revision_history.data_content_type 
_pdbx_audit_revision_history.major_revision 
_pdbx_audit_revision_history.minor_revision 
_pdbx_audit_revision_history.revision_date 
1 'Structure model' 1 0 2024-11-06 
2 'Structure model' 1 1 2024-11-13 
# 
_pdbx_audit_revision_details.ordinal             1 
_pdbx_audit_revision_details.revision_ordinal    1 
_pdbx_audit_revision_details.data_content_type   'Structure model' 
_pdbx_audit_revision_details.provider            repository 
_pdbx_audit_revision_details.type                'Initial release' 
_pdbx_audit_revision_details.description         ? 
_pdbx_audit_revision_details.details             ? 
# 
loop_
_pdbx_audit_revision_group.ordinal 
_pdbx_audit_revision_group.revision_ordinal 
_pdbx_audit_revision_group.data_content_type 
_pdbx_audit_revision_group.group 
1 2 'Structure model' 'Data collection'     
2 2 'Structure model' 'Database references' 
# 
loop_
_pdbx_audit_revision_category.ordinal 
_pdbx_audit_revision_category.revision_ordinal 
_pdbx_audit_revision_category.data_content_type 
_pdbx_audit_revision_category.category 
1 2 'Structure model' citation 
2 2 'Structure model' em_admin 
# 
loop_
_pdbx_audit_revision_item.ordinal 
_pdbx_audit_revision_item.revision_ordinal 
_pdbx_audit_revision_item.data_content_type 
_pdbx_audit_revision_item.item 
1 2 'Structure model' '_citation.journal_volume' 
2 2 'Structure model' '_citation.page_first'     
3 2 'Structure model' '_citation.page_last'      
4 2 'Structure model' '_em_admin.last_update'    
# 
_pdbx_database_status.status_code                     REL 
_pdbx_database_status.status_code_sf                  ? 
_pdbx_database_status.status_code_mr                  ? 
_pdbx_database_status.entry_id                        9FCK 
_pdbx_database_status.recvd_initial_deposition_date   2024-05-15 
_pdbx_database_status.SG_entry                        N 
_pdbx_database_status.deposit_site                    PDBE 
_pdbx_database_status.process_site                    PDBE 
_pdbx_database_status.status_code_cs                  ? 
_pdbx_database_status.status_code_nmr_data            ? 
_pdbx_database_status.methods_development_category    ? 
_pdbx_database_status.pdb_format_compatible           Y 
# 
_pdbx_database_related.db_name        EMDB 
_pdbx_database_related.details        
'3D Cryo-EM reveals the structure of a 3-Fmoc zipper motif ensuring the self-assembly of tripeptide nanofiber' 
_pdbx_database_related.db_id          EMD-50318 
_pdbx_database_related.content_type   'associated EM volume' 
# 
_pdbx_contact_author.id                 3 
_pdbx_contact_author.email              loic.jierry@ics-cnrs.unistra.fr 
_pdbx_contact_author.name_first         Loic 
_pdbx_contact_author.name_last          JIERRY 
_pdbx_contact_author.name_mi            ? 
_pdbx_contact_author.role               'principal investigator/group leader' 
_pdbx_contact_author.identifier_ORCID   0000-0002-7541-1360 
# 
loop_
_audit_author.name 
_audit_author.pdbx_ordinal 
_audit_author.identifier_ORCID 
'Estrozi, L.F.' 1 0000-0003-2548-2547 
'Jierry, L.'    2 0000-0002-7541-1360 
# 
_citation.abstract                  ? 
_citation.abstract_id_CAS           ? 
_citation.book_id_ISBN              ? 
_citation.book_publisher            ? 
_citation.book_publisher_city       ? 
_citation.book_title                ? 
_citation.coordinate_linkage        ? 
_citation.country                   US 
_citation.database_id_Medline       ? 
_citation.details                   ? 
_citation.id                        primary 
_citation.journal_abbrev            'Acs Nano' 
_citation.journal_id_ASTM           ? 
_citation.journal_id_CSD            ? 
_citation.journal_id_ISSN           1936-086X 
_citation.journal_full              ? 
_citation.journal_issue             ? 
_citation.journal_volume            18 
_citation.language                  ? 
_citation.page_first                30448 
_citation.page_last                 30462 
_citation.title                     
;3D Cryo-Electron Microscopy Reveals the Structure of a 3-Fluorenylmethyloxycarbonyl Zipper Motif Ensuring the Self-Assembly of Tripeptide Nanofibers.
;
_citation.year                      2024 
_citation.database_id_CSD           ? 
_citation.pdbx_database_id_DOI      10.1021/acsnano.4c08043 
_citation.pdbx_database_id_PubMed   39441741 
_citation.pdbx_database_id_patent   ? 
_citation.unpublished_flag          ? 
# 
loop_
_citation_author.citation_id 
_citation_author.name 
_citation_author.ordinal 
_citation_author.identifier_ORCID 
primary 'Bigo-Simon, A.'  1 ?                   
primary 'Estrozi, L.F.'   2 ?                   
primary 'Chaumont, A.'    3 0000-0003-4563-0375 
primary 'Schurhammer, R.' 4 0000-0002-2433-8773 
primary 'Schoehn, G.'     5 ?                   
primary 'Combet, J.'      6 ?                   
primary 'Schmutz, M.'     7 ?                   
primary 'Schaaf, P.'      8 0000-0001-7423-5492 
primary 'Jierry, L.'      9 0000-0002-7541-1360 
# 
_entity.id                         1 
_entity.type                       polymer 
_entity.src_method                 syn 
_entity.pdbx_description           FMO-PHE-PHE-TYR 
_entity.formula_weight             716.221 
_entity.pdbx_number_of_molecules   2 
_entity.pdbx_ec                    ? 
_entity.pdbx_mutation              ? 
_entity.pdbx_fragment              ? 
_entity.details                    ? 
# 
_entity_poly.entity_id                      1 
_entity_poly.type                           'polypeptide(L)' 
_entity_poly.nstd_linkage                   no 
_entity_poly.nstd_monomer                   yes 
_entity_poly.pdbx_seq_one_letter_code       '(VP1)FFY' 
_entity_poly.pdbx_seq_one_letter_code_can   XFFY 
_entity_poly.pdbx_strand_id                 A,B 
_entity_poly.pdbx_target_identifier         ? 
# 
loop_
_entity_poly_seq.entity_id 
_entity_poly_seq.num 
_entity_poly_seq.mon_id 
_entity_poly_seq.hetero 
1 1 VP1 n 
1 2 PHE n 
1 3 PHE n 
1 4 TYR n 
# 
_pdbx_entity_src_syn.entity_id              1 
_pdbx_entity_src_syn.pdbx_src_id            1 
_pdbx_entity_src_syn.pdbx_alt_source_flag   sample 
_pdbx_entity_src_syn.pdbx_beg_seq_num       1 
_pdbx_entity_src_syn.pdbx_end_seq_num       4 
_pdbx_entity_src_syn.organism_scientific    'synthetic construct' 
_pdbx_entity_src_syn.organism_common_name   ? 
_pdbx_entity_src_syn.ncbi_taxonomy_id       32630 
_pdbx_entity_src_syn.details                ? 
# 
loop_
_chem_comp.id 
_chem_comp.type 
_chem_comp.mon_nstd_flag 
_chem_comp.name 
_chem_comp.pdbx_synonyms 
_chem_comp.formula 
_chem_comp.formula_weight 
PHE 'L-peptide linking' y PHENYLALANINE                         ? 'C9 H11 N O2'   165.189 
TYR 'L-peptide linking' y TYROSINE                              ? 'C9 H11 N O3'   181.189 
VP1 non-polymer         . 'Fluorenylmethyloxycarbonyl chloride' ? 'C15 H11 Cl O2' 258.700 
# 
loop_
_pdbx_poly_seq_scheme.asym_id 
_pdbx_poly_seq_scheme.entity_id 
_pdbx_poly_seq_scheme.seq_id 
_pdbx_poly_seq_scheme.mon_id 
_pdbx_poly_seq_scheme.ndb_seq_num 
_pdbx_poly_seq_scheme.pdb_seq_num 
_pdbx_poly_seq_scheme.auth_seq_num 
_pdbx_poly_seq_scheme.pdb_mon_id 
_pdbx_poly_seq_scheme.auth_mon_id 
_pdbx_poly_seq_scheme.pdb_strand_id 
_pdbx_poly_seq_scheme.pdb_ins_code 
_pdbx_poly_seq_scheme.hetero 
A 1 1 VP1 1 201 113 VP1 FMO A . n 
A 1 2 PHE 2 202 114 PHE PHE A . n 
A 1 3 PHE 3 203 115 PHE PHE A . n 
A 1 4 TYR 4 204 116 TYR TYR A . n 
B 1 1 VP1 1 201 113 VP1 FMO B . n 
B 1 2 PHE 2 202 114 PHE PHE B . n 
B 1 3 PHE 3 203 115 PHE PHE B . n 
B 1 4 TYR 4 204 116 TYR TYR B . n 
# 
_exptl.absorpt_coefficient_mu     ? 
_exptl.absorpt_correction_T_max   ? 
_exptl.absorpt_correction_T_min   ? 
_exptl.absorpt_correction_type    ? 
_exptl.absorpt_process_details    ? 
_exptl.entry_id                   9FCK 
_exptl.crystals_number            ? 
_exptl.details                    ? 
_exptl.method                     'ELECTRON MICROSCOPY' 
_exptl.method_details             ? 
# 
_struct.entry_id                     9FCK 
_struct.title                        
'3D Cryo-EM reveals the structure of a 3-Fmoc zipper motif ensuring the self-assembly of tripeptide nanofiber' 
_struct.pdbx_model_details           ? 
_struct.pdbx_formula_weight          ? 
_struct.pdbx_formula_weight_method   ? 
_struct.pdbx_model_type_details      ? 
_struct.pdbx_CASP_flag               N 
# 
_struct_keywords.entry_id        9FCK 
_struct_keywords.text            'nanofiber, BIOSYNTHETIC PROTEIN' 
_struct_keywords.pdbx_keywords   'BIOSYNTHETIC PROTEIN' 
# 
loop_
_struct_asym.id 
_struct_asym.pdbx_blank_PDB_chainid_flag 
_struct_asym.pdbx_modified 
_struct_asym.entity_id 
_struct_asym.details 
A N N 1 ? 
B N N 1 ? 
# 
_struct_ref.id                         1 
_struct_ref.db_name                    PDB 
_struct_ref.db_code                    9FCK 
_struct_ref.pdbx_db_accession          9FCK 
_struct_ref.pdbx_db_isoform            ? 
_struct_ref.entity_id                  1 
_struct_ref.pdbx_seq_one_letter_code   ? 
_struct_ref.pdbx_align_begin           1 
# 
loop_
_struct_ref_seq.align_id 
_struct_ref_seq.ref_id 
_struct_ref_seq.pdbx_PDB_id_code 
_struct_ref_seq.pdbx_strand_id 
_struct_ref_seq.seq_align_beg 
_struct_ref_seq.pdbx_seq_align_beg_ins_code 
_struct_ref_seq.seq_align_end 
_struct_ref_seq.pdbx_seq_align_end_ins_code 
_struct_ref_seq.pdbx_db_accession 
_struct_ref_seq.db_align_beg 
_struct_ref_seq.pdbx_db_align_beg_ins_code 
_struct_ref_seq.db_align_end 
_struct_ref_seq.pdbx_db_align_end_ins_code 
_struct_ref_seq.pdbx_auth_seq_align_beg 
_struct_ref_seq.pdbx_auth_seq_align_end 
1 1 9FCK A 1 ? 4 ? 9FCK 201 ? 204 ? 201 204 
2 1 9FCK B 1 ? 4 ? 9FCK 201 ? 204 ? 201 204 
# 
_pdbx_struct_assembly.id                   1 
_pdbx_struct_assembly.details              author_defined_assembly 
_pdbx_struct_assembly.method_details       ? 
_pdbx_struct_assembly.oligomeric_details   dimeric 
_pdbx_struct_assembly.oligomeric_count     2 
# 
_pdbx_struct_assembly_gen.assembly_id       1 
_pdbx_struct_assembly_gen.oper_expression   1 
_pdbx_struct_assembly_gen.asym_id_list      A,B 
# 
_pdbx_struct_assembly_auth_evidence.id                     1 
_pdbx_struct_assembly_auth_evidence.assembly_id            1 
_pdbx_struct_assembly_auth_evidence.experimental_support   'electron microscopy' 
_pdbx_struct_assembly_auth_evidence.details                'not applicable' 
# 
_pdbx_struct_oper_list.id                   1 
_pdbx_struct_oper_list.type                 'identity operation' 
_pdbx_struct_oper_list.name                 1_555 
_pdbx_struct_oper_list.symmetry_operation   ? 
_pdbx_struct_oper_list.matrix[1][1]         1.0000000000 
_pdbx_struct_oper_list.matrix[1][2]         0.0000000000 
_pdbx_struct_oper_list.matrix[1][3]         0.0000000000 
_pdbx_struct_oper_list.vector[1]            0.0000000000 
_pdbx_struct_oper_list.matrix[2][1]         0.0000000000 
_pdbx_struct_oper_list.matrix[2][2]         1.0000000000 
_pdbx_struct_oper_list.matrix[2][3]         0.0000000000 
_pdbx_struct_oper_list.vector[2]            0.0000000000 
_pdbx_struct_oper_list.matrix[3][1]         0.0000000000 
_pdbx_struct_oper_list.matrix[3][2]         0.0000000000 
_pdbx_struct_oper_list.matrix[3][3]         1.0000000000 
_pdbx_struct_oper_list.vector[3]            0.0000000000 
# 
loop_
_struct_conn.id 
_struct_conn.conn_type_id 
_struct_conn.pdbx_leaving_atom_flag 
_struct_conn.pdbx_PDB_id 
_struct_conn.ptnr1_label_asym_id 
_struct_conn.ptnr1_label_comp_id 
_struct_conn.ptnr1_label_seq_id 
_struct_conn.ptnr1_label_atom_id 
_struct_conn.pdbx_ptnr1_label_alt_id 
_struct_conn.pdbx_ptnr1_PDB_ins_code 
_struct_conn.pdbx_ptnr1_standard_comp_id 
_struct_conn.ptnr1_symmetry 
_struct_conn.ptnr2_label_asym_id 
_struct_conn.ptnr2_label_comp_id 
_struct_conn.ptnr2_label_seq_id 
_struct_conn.ptnr2_label_atom_id 
_struct_conn.pdbx_ptnr2_label_alt_id 
_struct_conn.pdbx_ptnr2_PDB_ins_code 
_struct_conn.ptnr1_auth_asym_id 
_struct_conn.ptnr1_auth_comp_id 
_struct_conn.ptnr1_auth_seq_id 
_struct_conn.ptnr2_auth_asym_id 
_struct_conn.ptnr2_auth_comp_id 
_struct_conn.ptnr2_auth_seq_id 
_struct_conn.ptnr2_symmetry 
_struct_conn.pdbx_ptnr3_label_atom_id 
_struct_conn.pdbx_ptnr3_label_seq_id 
_struct_conn.pdbx_ptnr3_label_comp_id 
_struct_conn.pdbx_ptnr3_label_asym_id 
_struct_conn.pdbx_ptnr3_label_alt_id 
_struct_conn.pdbx_ptnr3_PDB_ins_code 
_struct_conn.details 
_struct_conn.pdbx_dist_value 
_struct_conn.pdbx_value_order 
_struct_conn.pdbx_role 
covale1 covale both ? A VP1 1 C01 ? ? ? 1_555 A PHE 2 N ? ? A VP1 201 A PHE 202 1_555 ? ? ? ? ? ? ? 1.336 ? ? 
covale2 covale both ? B VP1 1 C01 ? ? ? 1_555 B PHE 2 N ? ? B VP1 201 B PHE 202 1_555 ? ? ? ? ? ? ? 1.336 ? ? 
# 
_struct_conn_type.id          covale 
_struct_conn_type.criteria    ? 
_struct_conn_type.reference   ? 
# 
loop_
_pdbx_modification_feature.ordinal 
_pdbx_modification_feature.label_comp_id 
_pdbx_modification_feature.label_asym_id 
_pdbx_modification_feature.label_seq_id 
_pdbx_modification_feature.label_alt_id 
_pdbx_modification_feature.modified_residue_label_comp_id 
_pdbx_modification_feature.modified_residue_label_asym_id 
_pdbx_modification_feature.modified_residue_label_seq_id 
_pdbx_modification_feature.modified_residue_label_alt_id 
_pdbx_modification_feature.auth_comp_id 
_pdbx_modification_feature.auth_asym_id 
_pdbx_modification_feature.auth_seq_id 
_pdbx_modification_feature.PDB_ins_code 
_pdbx_modification_feature.symmetry 
_pdbx_modification_feature.modified_residue_auth_comp_id 
_pdbx_modification_feature.modified_residue_auth_asym_id 
_pdbx_modification_feature.modified_residue_auth_seq_id 
_pdbx_modification_feature.modified_residue_PDB_ins_code 
_pdbx_modification_feature.modified_residue_symmetry 
_pdbx_modification_feature.comp_id_linking_atom 
_pdbx_modification_feature.modified_residue_id_linking_atom 
_pdbx_modification_feature.modified_residue_id 
_pdbx_modification_feature.ref_pcm_id 
_pdbx_modification_feature.ref_comp_id 
_pdbx_modification_feature.type 
_pdbx_modification_feature.category 
1 VP1 A 1 ? . . . . VP1 A 201 ? 1_555 . . . . . . . ? 1 VP1 None 'Non-standard residue' 
2 VP1 B 1 ? . . . . VP1 B 201 ? 1_555 . . . . . . . ? 1 VP1 None 'Non-standard residue' 
# 
_pdbx_entry_details.entry_id                   9FCK 
_pdbx_entry_details.nonpolymer_details         ? 
_pdbx_entry_details.sequence_details           ? 
_pdbx_entry_details.compound_details           ? 
_pdbx_entry_details.source_details             ? 
_pdbx_entry_details.has_ligand_of_interest     N 
_pdbx_entry_details.has_protein_modification   Y 
# 
loop_
_pdbx_validate_close_contact.id 
_pdbx_validate_close_contact.PDB_model_num 
_pdbx_validate_close_contact.auth_atom_id_1 
_pdbx_validate_close_contact.auth_asym_id_1 
_pdbx_validate_close_contact.auth_comp_id_1 
_pdbx_validate_close_contact.auth_seq_id_1 
_pdbx_validate_close_contact.PDB_ins_code_1 
_pdbx_validate_close_contact.label_alt_id_1 
_pdbx_validate_close_contact.auth_atom_id_2 
_pdbx_validate_close_contact.auth_asym_id_2 
_pdbx_validate_close_contact.auth_comp_id_2 
_pdbx_validate_close_contact.auth_seq_id_2 
_pdbx_validate_close_contact.PDB_ins_code_2 
_pdbx_validate_close_contact.label_alt_id_2 
_pdbx_validate_close_contact.dist 
1 1 H7 A VP1 201 ? ? H9  B VP1 201 ? ? 0.83 
2 1 H5 B VP1 201 ? ? HE1 B PHE 203 ? ? 1.16 
3 1 H7 A VP1 201 ? ? C13 B VP1 201 ? ? 1.53 
# 
loop_
_pdbx_validate_torsion.id 
_pdbx_validate_torsion.PDB_model_num 
_pdbx_validate_torsion.auth_comp_id 
_pdbx_validate_torsion.auth_asym_id 
_pdbx_validate_torsion.auth_seq_id 
_pdbx_validate_torsion.PDB_ins_code 
_pdbx_validate_torsion.label_alt_id 
_pdbx_validate_torsion.phi 
_pdbx_validate_torsion.psi 
1 1 PHE A 203 ? ? 86.29 17.93 
2 1 PHE B 203 ? ? 97.03 10.58 
# 
_em_3d_fitting.id                1 
_em_3d_fitting.entry_id          9FCK 
_em_3d_fitting.method            ? 
_em_3d_fitting.target_criteria   ? 
_em_3d_fitting.details           ? 
_em_3d_fitting.overall_b_value   ? 
_em_3d_fitting.ref_space         REAL 
_em_3d_fitting.ref_protocol      'AB INITIO MODEL' 
# 
_em_3d_reconstruction.entry_id                    9FCK 
_em_3d_reconstruction.id                          1 
_em_3d_reconstruction.method                      ? 
_em_3d_reconstruction.algorithm                   ? 
_em_3d_reconstruction.citation_id                 ? 
_em_3d_reconstruction.details                     ? 
_em_3d_reconstruction.resolution                  3.8 
_em_3d_reconstruction.resolution_method           'FSC 0.143 CUT-OFF' 
_em_3d_reconstruction.magnification_calibration   ? 
_em_3d_reconstruction.nominal_pixel_size          ? 
_em_3d_reconstruction.actual_pixel_size           ? 
_em_3d_reconstruction.num_particles               650000 
_em_3d_reconstruction.euler_angles_details        ? 
_em_3d_reconstruction.num_class_averages          ? 
_em_3d_reconstruction.refinement_type             ? 
_em_3d_reconstruction.image_processing_id         1 
_em_3d_reconstruction.symmetry_type               HELICAL 
# 
_em_buffer.id            1 
_em_buffer.specimen_id   1 
_em_buffer.name          ? 
_em_buffer.details       ? 
_em_buffer.pH            9.3 
# 
_em_entity_assembly.id                   1 
_em_entity_assembly.parent_id            0 
_em_entity_assembly.source               RECOMBINANT 
_em_entity_assembly.type                 COMPLEX 
_em_entity_assembly.name                 Fmoc-FFY 
_em_entity_assembly.details              ? 
_em_entity_assembly.synonym              ? 
_em_entity_assembly.oligomeric_details   ? 
_em_entity_assembly.entity_id_list       1 
# 
_em_image_scans.entry_id                9FCK 
_em_image_scans.id                      1 
_em_image_scans.number_digital_images   ? 
_em_image_scans.details                 ? 
_em_image_scans.scanner_model           ? 
_em_image_scans.sampling_size           ? 
_em_image_scans.od_range                ? 
_em_image_scans.quant_bit_size          ? 
_em_image_scans.citation_id             ? 
_em_image_scans.dimension_height        3710 
_em_image_scans.dimension_width         3838 
_em_image_scans.frames_per_image        40 
_em_image_scans.image_recording_id      1 
_em_image_scans.used_frames_per_image   ? 
# 
_em_imaging.entry_id                        9FCK 
_em_imaging.id                              1 
_em_imaging.astigmatism                     ? 
_em_imaging.electron_beam_tilt_params       ? 
_em_imaging.residual_tilt                   ? 
_em_imaging.microscope_model                'TFS GLACIOS' 
_em_imaging.specimen_holder_type            ? 
_em_imaging.specimen_holder_model           ? 
_em_imaging.details                         ? 
_em_imaging.date                            ? 
_em_imaging.accelerating_voltage            200 
_em_imaging.illumination_mode               'SPOT SCAN' 
_em_imaging.mode                            'BRIGHT FIELD' 
_em_imaging.nominal_cs                      2.7 
_em_imaging.nominal_defocus_min             500 
_em_imaging.nominal_defocus_max             5000 
_em_imaging.calibrated_defocus_min          ? 
_em_imaging.calibrated_defocus_max          ? 
_em_imaging.tilt_angle_min                  ? 
_em_imaging.tilt_angle_max                  ? 
_em_imaging.nominal_magnification           45000 
_em_imaging.calibrated_magnification        ? 
_em_imaging.electron_source                 'FIELD EMISSION GUN' 
_em_imaging.citation_id                     ? 
_em_imaging.temperature                     ? 
_em_imaging.detector_distance               ? 
_em_imaging.recording_temperature_minimum   ? 
_em_imaging.recording_temperature_maximum   ? 
_em_imaging.alignment_procedure             'COMA FREE' 
_em_imaging.c2_aperture_diameter            ? 
_em_imaging.specimen_id                     1 
_em_imaging.cryogen                         NITROGEN 
# 
_em_vitrification.entry_id              9FCK 
_em_vitrification.id                    1 
_em_vitrification.specimen_id           1 
_em_vitrification.cryogen_name          ETHANE 
_em_vitrification.humidity              ? 
_em_vitrification.temp                  ? 
_em_vitrification.chamber_temperature   ? 
_em_vitrification.instrument            ? 
_em_vitrification.method                ? 
_em_vitrification.time_resolved_state   ? 
_em_vitrification.citation_id           ? 
_em_vitrification.details               ? 
# 
_em_experiment.entry_id                9FCK 
_em_experiment.id                      1 
_em_experiment.reconstruction_method   HELICAL 
_em_experiment.aggregation_state       FILAMENT 
_em_experiment.entity_assembly_id      1 
# 
loop_
_chem_comp_atom.comp_id 
_chem_comp_atom.atom_id 
_chem_comp_atom.type_symbol 
_chem_comp_atom.pdbx_aromatic_flag 
_chem_comp_atom.pdbx_stereo_config 
_chem_comp_atom.pdbx_ordinal 
PHE N   N  N N 1  
PHE CA  C  N S 2  
PHE C   C  N N 3  
PHE O   O  N N 4  
PHE CB  C  N N 5  
PHE CG  C  Y N 6  
PHE CD1 C  Y N 7  
PHE CD2 C  Y N 8  
PHE CE1 C  Y N 9  
PHE CE2 C  Y N 10 
PHE CZ  C  Y N 11 
PHE OXT O  N N 12 
PHE H   H  N N 13 
PHE H2  H  N N 14 
PHE HA  H  N N 15 
PHE HB2 H  N N 16 
PHE HB3 H  N N 17 
PHE HD1 H  N N 18 
PHE HD2 H  N N 19 
PHE HE1 H  N N 20 
PHE HE2 H  N N 21 
PHE HZ  H  N N 22 
PHE HXT H  N N 23 
TYR N   N  N N 24 
TYR CA  C  N S 25 
TYR C   C  N N 26 
TYR O   O  N N 27 
TYR CB  C  N N 28 
TYR CG  C  Y N 29 
TYR CD1 C  Y N 30 
TYR CD2 C  Y N 31 
TYR CE1 C  Y N 32 
TYR CE2 C  Y N 33 
TYR CZ  C  Y N 34 
TYR OH  O  N N 35 
TYR OXT O  N N 36 
TYR H   H  N N 37 
TYR H2  H  N N 38 
TYR HA  H  N N 39 
TYR HB2 H  N N 40 
TYR HB3 H  N N 41 
TYR HD1 H  N N 42 
TYR HD2 H  N N 43 
TYR HE1 H  N N 44 
TYR HE2 H  N N 45 
TYR HH  H  N N 46 
TYR HXT H  N N 47 
VP1 C01 C  N N 48 
VP1 C04 C  N N 49 
VP1 C05 C  N N 50 
VP1 C06 C  Y N 51 
VP1 C07 C  Y N 52 
VP1 C08 C  Y N 53 
VP1 C09 C  Y N 54 
VP1 C10 C  Y N 55 
VP1 C11 C  Y N 56 
VP1 C12 C  Y N 57 
VP1 C13 C  Y N 58 
VP1 C14 C  Y N 59 
VP1 C15 C  Y N 60 
VP1 C16 C  Y N 61 
VP1 C17 C  Y N 62 
VP1 O02 O  N N 63 
VP1 O03 O  N N 64 
VP1 H2  H  N N 65 
VP1 H3  H  N N 66 
VP1 H4  H  N N 67 
VP1 H5  H  N N 68 
VP1 H6  H  N N 69 
VP1 H7  H  N N 70 
VP1 H8  H  N N 71 
VP1 H9  H  N N 72 
VP1 H10 H  N N 73 
VP1 H11 H  N N 74 
VP1 H12 H  N N 75 
VP1 CL1 CL N N 76 
# 
loop_
_chem_comp_bond.comp_id 
_chem_comp_bond.atom_id_1 
_chem_comp_bond.atom_id_2 
_chem_comp_bond.value_order 
_chem_comp_bond.pdbx_aromatic_flag 
_chem_comp_bond.pdbx_stereo_config 
_chem_comp_bond.pdbx_ordinal 
PHE N   CA  sing N N 1  
PHE N   H   sing N N 2  
PHE N   H2  sing N N 3  
PHE CA  C   sing N N 4  
PHE CA  CB  sing N N 5  
PHE CA  HA  sing N N 6  
PHE C   O   doub N N 7  
PHE C   OXT sing N N 8  
PHE CB  CG  sing N N 9  
PHE CB  HB2 sing N N 10 
PHE CB  HB3 sing N N 11 
PHE CG  CD1 doub Y N 12 
PHE CG  CD2 sing Y N 13 
PHE CD1 CE1 sing Y N 14 
PHE CD1 HD1 sing N N 15 
PHE CD2 CE2 doub Y N 16 
PHE CD2 HD2 sing N N 17 
PHE CE1 CZ  doub Y N 18 
PHE CE1 HE1 sing N N 19 
PHE CE2 CZ  sing Y N 20 
PHE CE2 HE2 sing N N 21 
PHE CZ  HZ  sing N N 22 
PHE OXT HXT sing N N 23 
TYR N   CA  sing N N 24 
TYR N   H   sing N N 25 
TYR N   H2  sing N N 26 
TYR CA  C   sing N N 27 
TYR CA  CB  sing N N 28 
TYR CA  HA  sing N N 29 
TYR C   O   doub N N 30 
TYR C   OXT sing N N 31 
TYR CB  CG  sing N N 32 
TYR CB  HB2 sing N N 33 
TYR CB  HB3 sing N N 34 
TYR CG  CD1 doub Y N 35 
TYR CG  CD2 sing Y N 36 
TYR CD1 CE1 sing Y N 37 
TYR CD1 HD1 sing N N 38 
TYR CD2 CE2 doub Y N 39 
TYR CD2 HD2 sing N N 40 
TYR CE1 CZ  doub Y N 41 
TYR CE1 HE1 sing N N 42 
TYR CE2 CZ  sing Y N 43 
TYR CE2 HE2 sing N N 44 
TYR CZ  OH  sing N N 45 
TYR OH  HH  sing N N 46 
TYR OXT HXT sing N N 47 
VP1 C09 C08 doub Y N 48 
VP1 C09 C10 sing Y N 49 
VP1 C08 C07 sing Y N 50 
VP1 C10 C11 doub Y N 51 
VP1 C07 C06 doub Y N 52 
VP1 C11 C06 sing Y N 53 
VP1 C11 C17 sing N N 54 
VP1 C06 C05 sing N N 55 
VP1 C16 C17 doub Y N 56 
VP1 C16 C15 sing Y N 57 
VP1 C17 C12 sing Y N 58 
VP1 O02 C01 doub N N 59 
VP1 C04 C05 sing N N 60 
VP1 C04 O03 sing N N 61 
VP1 C15 C14 doub Y N 62 
VP1 C05 C12 sing N N 63 
VP1 C12 C13 doub Y N 64 
VP1 C01 O03 sing N N 65 
VP1 C14 C13 sing Y N 66 
VP1 C04 H2  sing N N 67 
VP1 C04 H3  sing N N 68 
VP1 C05 H4  sing N N 69 
VP1 C07 H5  sing N N 70 
VP1 C08 H6  sing N N 71 
VP1 C09 H7  sing N N 72 
VP1 C10 H8  sing N N 73 
VP1 C13 H9  sing N N 74 
VP1 C14 H10 sing N N 75 
VP1 C15 H11 sing N N 76 
VP1 C16 H12 sing N N 77 
VP1 C01 CL1 sing N N 78 
# 
_em_admin.current_status     REL 
_em_admin.deposition_date    2024-05-15 
_em_admin.deposition_site    PDBE 
_em_admin.entry_id           9FCK 
_em_admin.last_update        2024-11-13 
_em_admin.map_release_date   2024-11-06 
_em_admin.title              
'3D Cryo-EM reveals the structure of a 3-Fmoc zipper motif ensuring the self-assembly of tripeptide nanofiber' 
# 
_em_ctf_correction.details                  ? 
_em_ctf_correction.em_image_processing_id   1 
_em_ctf_correction.id                       1 
_em_ctf_correction.type                     'PHASE FLIPPING AND AMPLITUDE CORRECTION' 
# 
_em_entity_assembly_molwt.entity_assembly_id   1 
_em_entity_assembly_molwt.experimental_flag    NO 
_em_entity_assembly_molwt.id                   1 
_em_entity_assembly_molwt.units                KILODALTONS/NANOMETER 
_em_entity_assembly_molwt.value                6 
# 
_em_entity_assembly_naturalsource.cell                 ? 
_em_entity_assembly_naturalsource.cellular_location    ? 
_em_entity_assembly_naturalsource.entity_assembly_id   1 
_em_entity_assembly_naturalsource.id                   1 
_em_entity_assembly_naturalsource.ncbi_tax_id          32630 
_em_entity_assembly_naturalsource.organism             'synthetic construct' 
_em_entity_assembly_naturalsource.organelle            ? 
_em_entity_assembly_naturalsource.organ                ? 
_em_entity_assembly_naturalsource.strain               ? 
_em_entity_assembly_naturalsource.tissue               ? 
_em_entity_assembly_naturalsource.details              ? 
# 
_em_entity_assembly_recombinant.cell                 ? 
_em_entity_assembly_recombinant.entity_assembly_id   1 
_em_entity_assembly_recombinant.id                   1 
_em_entity_assembly_recombinant.ncbi_tax_id          32630 
_em_entity_assembly_recombinant.organism             'synthetic construct' 
_em_entity_assembly_recombinant.plasmid              ? 
_em_entity_assembly_recombinant.strain               ? 
# 
_em_helical_entity.id                             1 
_em_helical_entity.image_processing_id            1 
_em_helical_entity.details                        ? 
_em_helical_entity.axial_symmetry                 C1 
_em_helical_entity.angular_rotation_per_subunit   122.8 
_em_helical_entity.axial_rise_per_subunit         1.61 
# 
_em_image_processing.details              ? 
_em_image_processing.id                   1 
_em_image_processing.image_recording_id   1 
# 
_em_image_recording.average_exposure_time               ? 
_em_image_recording.avg_electron_dose_per_subtomogram   ? 
_em_image_recording.avg_electron_dose_per_image         40 
_em_image_recording.details                             ? 
_em_image_recording.detector_mode                       COUNTING 
_em_image_recording.film_or_detector_model              'GATAN K2 SUMMIT (4k x 4k)' 
_em_image_recording.id                                  1 
_em_image_recording.imaging_id                          1 
_em_image_recording.num_diffraction_images              ? 
_em_image_recording.num_grids_imaged                    ? 
_em_image_recording.num_real_images                     2182 
# 
_em_particle_selection.details                  ? 
_em_particle_selection.id                       1 
_em_particle_selection.image_processing_id      1 
_em_particle_selection.method                   ? 
_em_particle_selection.num_particles_selected   1400000 
_em_particle_selection.reference_model          ? 
# 
loop_
_em_software.category 
_em_software.details 
_em_software.id 
_em_software.image_processing_id 
_em_software.fitting_id 
_em_software.imaging_id 
_em_software.name 
_em_software.version 
'PARTICLE SELECTION'            ? 1  1 ? ? crYOLO   ?     
'IMAGE ACQUISITION'             ? 2  ? ? 1 SerialEM ?     
MASKING                         ? 3  ? ? ? ?        ?     
'CTF CORRECTION'                ? 4  1 ? ? CTFFIND  4.1   
'LAYERLINE INDEXING'            ? 5  ? ? ? ?        ?     
'DIFFRACTION INDEXING'          ? 6  ? ? ? ?        ?     
'MODEL FITTING'                 ? 7  ? 1 ? ?        ?     
OTHER                           ? 8  ? ? ? ?        ?     
'INITIAL EULER ASSIGNMENT'      ? 9  1 ? ? RELION   3.1.2 
'FINAL EULER ASSIGNMENT'        ? 10 1 ? ? RELION   4.0.1 
CLASSIFICATION                  ? 11 1 ? ? RELION   4.0.1 
RECONSTRUCTION                  ? 12 1 ? ? RELION   4.0.1 
'MODEL REFINEMENT'              ? 13 ? 1 ? ?        ?     
'VOLUME SELECTION'              ? 14 1 1 1 ?        ?     
'SERIES ALIGNMENT'              ? 15 1 1 1 ?        ?     
'MOLECULAR REPLACEMENT'         ? 16 1 1 1 ?        ?     
'LATTICE DISTORTION CORRECTION' ? 17 1 1 1 ?        ?     
'SYMMETRY DETERMINATION'        ? 18 1 1 1 ?        ?     
'CRYSTALLOGRAPHY MERGING'       ? 19 1 1 1 ?        ?     
# 
_em_specimen.concentration           ? 
_em_specimen.details                 ? 
_em_specimen.embedding_applied       NO 
_em_specimen.experiment_id           1 
_em_specimen.id                      1 
_em_specimen.shadowing_applied       NO 
_em_specimen.staining_applied        NO 
_em_specimen.vitrification_applied   YES 
# 
_pdbx_audit_support.funding_organization   'Agence Nationale de la Recherche (ANR)' 
_pdbx_audit_support.country                France 
_pdbx_audit_support.grant_number           ANR-21-CE06-0033 
_pdbx_audit_support.ordinal                1 
# 
_atom_sites.entry_id                    9FCK 
_atom_sites.Cartn_transf_matrix[1][1]   ? 
_atom_sites.Cartn_transf_matrix[1][2]   ? 
_atom_sites.Cartn_transf_matrix[1][3]   ? 
_atom_sites.Cartn_transf_matrix[2][1]   ? 
_atom_sites.Cartn_transf_matrix[2][2]   ? 
_atom_sites.Cartn_transf_matrix[2][3]   ? 
_atom_sites.Cartn_transf_matrix[3][1]   ? 
_atom_sites.Cartn_transf_matrix[3][2]   ? 
_atom_sites.Cartn_transf_matrix[3][3]   ? 
_atom_sites.Cartn_transf_vector[1]      ? 
_atom_sites.Cartn_transf_vector[2]      ? 
_atom_sites.Cartn_transf_vector[3]      ? 
_atom_sites.Cartn_transform_axes        ? 
_atom_sites.fract_transf_matrix[1][1]   1.000000 
_atom_sites.fract_transf_matrix[1][2]   0.000000 
_atom_sites.fract_transf_matrix[1][3]   0.000000 
_atom_sites.fract_transf_matrix[2][1]   0.000000 
_atom_sites.fract_transf_matrix[2][2]   1.000000 
_atom_sites.fract_transf_matrix[2][3]   0.000000 
_atom_sites.fract_transf_matrix[3][1]   0.000000 
_atom_sites.fract_transf_matrix[3][2]   0.000000 
_atom_sites.fract_transf_matrix[3][3]   1.000000 
_atom_sites.fract_transf_vector[1]      0.00000 
_atom_sites.fract_transf_vector[2]      0.00000 
_atom_sites.fract_transf_vector[3]      0.00000 
_atom_sites.solution_primary            ? 
_atom_sites.solution_secondary          ? 
_atom_sites.solution_hydrogens          ? 
_atom_sites.special_details             ? 
# 
loop_
_atom_type.symbol 
C 
H 
N 
O 
# 
loop_
_atom_site.group_PDB 
_atom_site.id 
_atom_site.type_symbol 
_atom_site.label_atom_id 
_atom_site.label_alt_id 
_atom_site.label_comp_id 
_atom_site.label_asym_id 
_atom_site.label_entity_id 
_atom_site.label_seq_id 
_atom_site.pdbx_PDB_ins_code 
_atom_site.Cartn_x 
_atom_site.Cartn_y 
_atom_site.Cartn_z 
_atom_site.occupancy 
_atom_site.B_iso_or_equiv 
_atom_site.pdbx_formal_charge 
_atom_site.auth_seq_id 
_atom_site.auth_comp_id 
_atom_site.auth_asym_id 
_atom_site.auth_atom_id 
_atom_site.pdbx_PDB_model_num 
HETATM 1   C C01 . VP1 A 1 1 ? 1.332  2.206  6.038   1.00 0.00 ? 201 VP1 A C01 1 
HETATM 2   C C04 . VP1 A 1 1 ? 3.665  2.449  5.317   1.00 0.00 ? 201 VP1 A C04 1 
HETATM 3   C C05 . VP1 A 1 1 ? 3.921  0.999  5.389   1.00 0.00 ? 201 VP1 A C05 1 
HETATM 4   C C06 . VP1 A 1 1 ? 4.441  0.130  4.232   1.00 0.00 ? 201 VP1 A C06 1 
HETATM 5   C C07 . VP1 A 1 1 ? 3.791  -0.167 3.066   1.00 0.00 ? 201 VP1 A C07 1 
HETATM 6   C C08 . VP1 A 1 1 ? 4.237  -1.304 2.347   1.00 0.00 ? 201 VP1 A C08 1 
HETATM 7   C C09 . VP1 A 1 1 ? 5.390  -2.027 2.694   1.00 0.00 ? 201 VP1 A C09 1 
HETATM 8   C C10 . VP1 A 1 1 ? 6.101  -1.623 3.839   1.00 0.00 ? 201 VP1 A C10 1 
HETATM 9   C C11 . VP1 A 1 1 ? 5.558  -0.618 4.603   1.00 0.00 ? 201 VP1 A C11 1 
HETATM 10  C C12 . VP1 A 1 1 ? 4.980  0.661  6.375   1.00 0.00 ? 201 VP1 A C12 1 
HETATM 11  C C13 . VP1 A 1 1 ? 5.138  1.079  7.692   1.00 0.00 ? 201 VP1 A C13 1 
HETATM 12  C C14 . VP1 A 1 1 ? 6.235  0.638  8.440   1.00 0.00 ? 201 VP1 A C14 1 
HETATM 13  C C15 . VP1 A 1 1 ? 7.181  -0.173 7.791   1.00 0.00 ? 201 VP1 A C15 1 
HETATM 14  C C16 . VP1 A 1 1 ? 6.980  -0.637 6.522   1.00 0.00 ? 201 VP1 A C16 1 
HETATM 15  C C17 . VP1 A 1 1 ? 5.919  -0.199 5.870   1.00 0.00 ? 201 VP1 A C17 1 
HETATM 16  O O02 . VP1 A 1 1 ? 1.311  1.058  6.327   1.00 0.00 ? 201 VP1 A O02 1 
HETATM 17  O O03 . VP1 A 1 1 ? 2.321  2.838  5.323   1.00 0.00 ? 201 VP1 A O03 1 
HETATM 18  H H2  . VP1 A 1 1 ? 4.245  2.934  6.102   1.00 0.00 ? 201 VP1 A H2  1 
HETATM 19  H H3  . VP1 A 1 1 ? 4.123  2.775  4.382   1.00 0.00 ? 201 VP1 A H3  1 
HETATM 20  H H4  . VP1 A 1 1 ? 2.918  0.674  5.665   1.00 0.00 ? 201 VP1 A H4  1 
HETATM 21  H H5  . VP1 A 1 1 ? 2.862  0.296  2.769   1.00 0.00 ? 201 VP1 A H5  1 
HETATM 22  H H6  . VP1 A 1 1 ? 3.689  -1.633 1.475   1.00 0.00 ? 201 VP1 A H6  1 
HETATM 23  H H7  . VP1 A 1 1 ? 5.757  -2.903 2.176   1.00 0.00 ? 201 VP1 A H7  1 
HETATM 24  H H8  . VP1 A 1 1 ? 6.998  -2.159 4.110   1.00 0.00 ? 201 VP1 A H8  1 
HETATM 25  H H9  . VP1 A 1 1 ? 4.457  1.797  8.123   1.00 0.00 ? 201 VP1 A H9  1 
HETATM 26  H H10 . VP1 A 1 1 ? 6.336  0.995  9.456   1.00 0.00 ? 201 VP1 A H10 1 
HETATM 27  H H11 . VP1 A 1 1 ? 8.048  -0.462 8.366   1.00 0.00 ? 201 VP1 A H11 1 
HETATM 28  H H12 . VP1 A 1 1 ? 7.726  -1.223 6.000   1.00 0.00 ? 201 VP1 A H12 1 
ATOM   29  N N   . PHE A 1 2 ? 0.407  3.043  6.516   1.00 0.00 ? 202 PHE A N   1 
ATOM   30  C CA  . PHE A 1 2 ? -0.574 2.769  7.551   1.00 0.00 ? 202 PHE A CA  1 
ATOM   31  C C   . PHE A 1 2 ? -1.991 2.854  6.989   1.00 0.00 ? 202 PHE A C   1 
ATOM   32  O O   . PHE A 1 2 ? -2.688 1.841  6.976   1.00 0.00 ? 202 PHE A O   1 
ATOM   33  C CB  . PHE A 1 2 ? -0.274 3.641  8.771   1.00 0.00 ? 202 PHE A CB  1 
ATOM   34  C CG  . PHE A 1 2 ? 1.194  3.580  9.179   1.00 0.00 ? 202 PHE A CG  1 
ATOM   35  C CD1 . PHE A 1 2 ? 2.099  4.546  8.703   1.00 0.00 ? 202 PHE A CD1 1 
ATOM   36  C CD2 . PHE A 1 2 ? 1.658  2.590  10.060  1.00 0.00 ? 202 PHE A CD2 1 
ATOM   37  C CE1 . PHE A 1 2 ? 3.443  4.527  9.105   1.00 0.00 ? 202 PHE A CE1 1 
ATOM   38  C CE2 . PHE A 1 2 ? 3.008  2.564  10.455  1.00 0.00 ? 202 PHE A CE2 1 
ATOM   39  C CZ  . PHE A 1 2 ? 3.903  3.537  9.985   1.00 0.00 ? 202 PHE A CZ  1 
ATOM   40  H H   . PHE A 1 2 ? 0.467  4.006  6.223   1.00 0.00 ? 202 PHE A H   1 
ATOM   41  H HA  . PHE A 1 2 ? -0.479 1.744  7.905   1.00 0.00 ? 202 PHE A HA  1 
ATOM   42  H HB2 . PHE A 1 2 ? -0.556 4.673  8.562   1.00 0.00 ? 202 PHE A HB2 1 
ATOM   43  H HB3 . PHE A 1 2 ? -0.877 3.286  9.605   1.00 0.00 ? 202 PHE A HB3 1 
ATOM   44  H HD1 . PHE A 1 2 ? 1.757  5.314  8.024   1.00 0.00 ? 202 PHE A HD1 1 
ATOM   45  H HD2 . PHE A 1 2 ? 0.976  1.844  10.440  1.00 0.00 ? 202 PHE A HD2 1 
ATOM   46  H HE1 . PHE A 1 2 ? 4.129  5.277  8.738   1.00 0.00 ? 202 PHE A HE1 1 
ATOM   47  H HE2 . PHE A 1 2 ? 3.356  1.797  11.130  1.00 0.00 ? 202 PHE A HE2 1 
ATOM   48  H HZ  . PHE A 1 2 ? 4.937  3.519  10.292  1.00 0.00 ? 202 PHE A HZ  1 
ATOM   49  N N   . PHE A 1 3 ? -2.401 4.001  6.452   1.00 0.00 ? 203 PHE A N   1 
ATOM   50  C CA  . PHE A 1 3 ? -3.716 4.273  5.826   1.00 0.00 ? 203 PHE A CA  1 
ATOM   51  C C   . PHE A 1 3 ? -4.849 4.708  6.780   1.00 0.00 ? 203 PHE A C   1 
ATOM   52  O O   . PHE A 1 3 ? -6.022 4.664  6.398   1.00 0.00 ? 203 PHE A O   1 
ATOM   53  C CB  . PHE A 1 3 ? -4.183 3.088  4.955   1.00 0.00 ? 203 PHE A CB  1 
ATOM   54  C CG  . PHE A 1 3 ? -3.323 2.678  3.768   1.00 0.00 ? 203 PHE A CG  1 
ATOM   55  C CD1 . PHE A 1 3 ? -3.625 1.541  2.998   1.00 0.00 ? 203 PHE A CD1 1 
ATOM   56  C CD2 . PHE A 1 3 ? -2.212 3.471  3.427   1.00 0.00 ? 203 PHE A CD2 1 
ATOM   57  C CE1 . PHE A 1 3 ? -2.861 1.239  1.862   1.00 0.00 ? 203 PHE A CE1 1 
ATOM   58  C CE2 . PHE A 1 3 ? -1.437 3.158  2.301   1.00 0.00 ? 203 PHE A CE2 1 
ATOM   59  C CZ  . PHE A 1 3 ? -1.772 2.052  1.509   1.00 0.00 ? 203 PHE A CZ  1 
ATOM   60  H H   . PHE A 1 3 ? -1.750 4.771  6.481   1.00 0.00 ? 203 PHE A H   1 
ATOM   61  H HA  . PHE A 1 3 ? -3.564 5.115  5.151   1.00 0.00 ? 203 PHE A HA  1 
ATOM   62  H HB2 . PHE A 1 3 ? -4.284 2.219  5.605   1.00 0.00 ? 203 PHE A HB2 1 
ATOM   63  H HB3 . PHE A 1 3 ? -5.181 3.314  4.582   1.00 0.00 ? 203 PHE A HB3 1 
ATOM   64  H HD1 . PHE A 1 3 ? -4.457 0.908  3.262   1.00 0.00 ? 203 PHE A HD1 1 
ATOM   65  H HD2 . PHE A 1 3 ? -1.963 4.336  4.021   1.00 0.00 ? 203 PHE A HD2 1 
ATOM   66  H HE1 . PHE A 1 3 ? -3.107 0.378  1.260   1.00 0.00 ? 203 PHE A HE1 1 
ATOM   67  H HE2 . PHE A 1 3 ? -0.596 3.779  2.037   1.00 0.00 ? 203 PHE A HE2 1 
ATOM   68  H HZ  . PHE A 1 3 ? -1.186 1.818  0.631   1.00 0.00 ? 203 PHE A HZ  1 
ATOM   69  N N   . TYR A 1 4 ? -4.503 5.156  7.989   1.00 0.00 ? 204 TYR A N   1 
ATOM   70  C CA  . TYR A 1 4 ? -5.366 5.636  9.074   1.00 0.00 ? 204 TYR A CA  1 
ATOM   71  C C   . TYR A 1 4 ? -6.711 6.211  8.589   1.00 0.00 ? 204 TYR A C   1 
ATOM   72  O O   . TYR A 1 4 ? -7.506 5.490  7.949   1.00 0.00 ? 204 TYR A O   1 
ATOM   73  C CB  . TYR A 1 4 ? -4.543 6.545  10.003  1.00 0.00 ? 204 TYR A CB  1 
ATOM   74  C CG  . TYR A 1 4 ? -3.602 5.815  10.951  1.00 0.00 ? 204 TYR A CG  1 
ATOM   75  C CD1 . TYR A 1 4 ? -2.557 6.512  11.586  1.00 0.00 ? 204 TYR A CD1 1 
ATOM   76  C CD2 . TYR A 1 4 ? -3.757 4.431  11.177  1.00 0.00 ? 204 TYR A CD2 1 
ATOM   77  C CE1 . TYR A 1 4 ? -1.650 5.828  12.419  1.00 0.00 ? 204 TYR A CE1 1 
ATOM   78  C CE2 . TYR A 1 4 ? -2.845 3.743  12.004  1.00 0.00 ? 204 TYR A CE2 1 
ATOM   79  C CZ  . TYR A 1 4 ? -1.785 4.439  12.618  1.00 0.00 ? 204 TYR A CZ  1 
ATOM   80  O OH  . TYR A 1 4 ? -0.892 3.770  13.389  1.00 0.00 ? 204 TYR A OH  1 
ATOM   81  O OXT . TYR A 1 4 ? -6.953 7.412  8.835   1.00 0.00 ? 204 TYR A OXT 1 
ATOM   82  H H   . TYR A 1 4 ? -3.514 5.110  8.196   1.00 0.00 ? 204 TYR A H   1 
ATOM   83  H HA  . TYR A 1 4 ? -5.633 4.761  9.666   1.00 0.00 ? 204 TYR A HA  1 
ATOM   84  H HB2 . TYR A 1 4 ? -3.957 7.235  9.396   1.00 0.00 ? 204 TYR A HB2 1 
ATOM   85  H HB3 . TYR A 1 4 ? -5.230 7.147  10.599  1.00 0.00 ? 204 TYR A HB3 1 
ATOM   86  H HD1 . TYR A 1 4 ? -2.441 7.573  11.418  1.00 0.00 ? 204 TYR A HD1 1 
ATOM   87  H HD2 . TYR A 1 4 ? -4.561 3.892  10.701  1.00 0.00 ? 204 TYR A HD2 1 
ATOM   88  H HE1 . TYR A 1 4 ? -0.841 6.364  12.892  1.00 0.00 ? 204 TYR A HE1 1 
ATOM   89  H HE2 . TYR A 1 4 ? -2.948 2.680  12.164  1.00 0.00 ? 204 TYR A HE2 1 
ATOM   90  H HH  . TYR A 1 4 ? -0.204 4.356  13.714  1.00 0.00 ? 204 TYR A HH  1 
HETATM 91  C C01 . VP1 B 1 1 ? 5.158  -3.146 -2.659  1.00 0.00 ? 201 VP1 B C01 1 
HETATM 92  C C04 . VP1 B 1 1 ? 7.132  -2.647 -1.288  1.00 0.00 ? 201 VP1 B C04 1 
HETATM 93  C C05 . VP1 B 1 1 ? 7.582  -3.985 -0.866  1.00 0.00 ? 201 VP1 B C05 1 
HETATM 94  C C06 . VP1 B 1 1 ? 8.897  -4.658 -1.297  1.00 0.00 ? 201 VP1 B C06 1 
HETATM 95  C C07 . VP1 B 1 1 ? 9.234  -5.077 -2.553  1.00 0.00 ? 201 VP1 B C07 1 
HETATM 96  C C08 . VP1 B 1 1 ? 10.268 -6.043 -2.659  1.00 0.00 ? 201 VP1 B C08 1 
HETATM 97  C C09 . VP1 B 1 1 ? 11.044 -6.457 -1.565  1.00 0.00 ? 201 VP1 B C09 1 
HETATM 98  C C10 . VP1 B 1 1 ? 10.741 -5.917 -0.303  1.00 0.00 ? 201 VP1 B C10 1 
HETATM 99  C C11 . VP1 B 1 1 ? 9.636  -5.107 -0.203  1.00 0.00 ? 201 VP1 B C11 1 
HETATM 100 C C12 . VP1 B 1 1 ? 7.797  -4.070 0.601   1.00 0.00 ? 201 VP1 B C12 1 
HETATM 101 C C13 . VP1 B 1 1 ? 6.972  -3.664 1.647   1.00 0.00 ? 201 VP1 B C13 1 
HETATM 102 C C14 . VP1 B 1 1 ? 7.388  -3.834 2.974   1.00 0.00 ? 201 VP1 B C14 1 
HETATM 103 C C15 . VP1 B 1 1 ? 8.674  -4.358 3.189   1.00 0.00 ? 201 VP1 B C15 1 
HETATM 104 C C16 . VP1 B 1 1 ? 9.445  -4.820 2.161   1.00 0.00 ? 201 VP1 B C16 1 
HETATM 105 C C17 . VP1 B 1 1 ? 8.994  -4.648 0.931   1.00 0.00 ? 201 VP1 B C17 1 
HETATM 106 O O02 . VP1 B 1 1 ? 4.474  -3.605 -1.805  1.00 0.00 ? 201 VP1 B O02 1 
HETATM 107 O O03 . VP1 B 1 1 ? 6.402  -2.593 -2.482  1.00 0.00 ? 201 VP1 B O03 1 
HETATM 108 H H2  . VP1 B 1 1 ? 6.602  -2.188 -0.455  1.00 0.00 ? 201 VP1 B H2  1 
HETATM 109 H H3  . VP1 B 1 1 ? 8.043  -2.062 -1.407  1.00 0.00 ? 201 VP1 B H3  1 
HETATM 110 H H4  . VP1 B 1 1 ? 6.737  -4.564 -1.239  1.00 0.00 ? 201 VP1 B H4  1 
HETATM 111 H H5  . VP1 B 1 1 ? 8.646  -4.858 -3.432  1.00 0.00 ? 201 VP1 B H5  1 
HETATM 112 H H6  . VP1 B 1 1 ? 10.501 -6.473 -3.622  1.00 0.00 ? 201 VP1 B H6  1 
HETATM 113 H H7  . VP1 B 1 1 ? 11.834 -7.195 -1.604  1.00 0.00 ? 201 VP1 B H7  1 
HETATM 114 H H8  . VP1 B 1 1 ? 11.338 -6.216 0.546   1.00 0.00 ? 201 VP1 B H8  1 
HETATM 115 H H9  . VP1 B 1 1 ? 6.041  -3.157 1.444   1.00 0.00 ? 201 VP1 B H9  1 
HETATM 116 H H10 . VP1 B 1 1 ? 6.732  -3.492 3.762   1.00 0.00 ? 201 VP1 B H10 1 
HETATM 117 H H11 . VP1 B 1 1 ? 9.000  -4.431 4.215   1.00 0.00 ? 201 VP1 B H11 1 
HETATM 118 H H12 . VP1 B 1 1 ? 10.453 -5.180 2.314   1.00 0.00 ? 201 VP1 B H12 1 
ATOM   119 N N   . PHE B 1 2 ? 4.689  -3.014 -3.903  1.00 0.00 ? 202 PHE B N   1 
ATOM   120 C CA  . PHE B 1 2 ? 3.543  -3.684 -4.486  1.00 0.00 ? 202 PHE B CA  1 
ATOM   121 C C   . PHE B 1 2 ? 3.972  -4.578 -5.650  1.00 0.00 ? 202 PHE B C   1 
ATOM   122 O O   . PHE B 1 2 ? 4.105  -5.784 -5.457  1.00 0.00 ? 202 PHE B O   1 
ATOM   123 C CB  . PHE B 1 2 ? 2.457  -2.652 -4.789  1.00 0.00 ? 202 PHE B CB  1 
ATOM   124 C CG  . PHE B 1 2 ? 2.009  -1.902 -3.539  1.00 0.00 ? 202 PHE B CG  1 
ATOM   125 C CD1 . PHE B 1 2 ? 1.135  -2.514 -2.623  1.00 0.00 ? 202 PHE B CD1 1 
ATOM   126 C CD2 . PHE B 1 2 ? 2.489  -0.611 -3.263  1.00 0.00 ? 202 PHE B CD2 1 
ATOM   127 C CE1 . PHE B 1 2 ? 0.750  -1.851 -1.447  1.00 0.00 ? 202 PHE B CE1 1 
ATOM   128 C CE2 . PHE B 1 2 ? 2.094  0.059  -2.089  1.00 0.00 ? 202 PHE B CE2 1 
ATOM   129 C CZ  . PHE B 1 2 ? 1.230  -0.562 -1.176  1.00 0.00 ? 202 PHE B CZ  1 
ATOM   130 H H   . PHE B 1 2 ? 5.094  -2.281 -4.466  1.00 0.00 ? 202 PHE B H   1 
ATOM   131 H HA  . PHE B 1 2 ? 3.095  -4.369 -3.767  1.00 0.00 ? 202 PHE B HA  1 
ATOM   132 H HB2 . PHE B 1 2 ? 2.821  -1.945 -5.534  1.00 0.00 ? 202 PHE B HB2 1 
ATOM   133 H HB3 . PHE B 1 2 ? 1.594  -3.171 -5.206  1.00 0.00 ? 202 PHE B HB3 1 
ATOM   134 H HD1 . PHE B 1 2 ? 0.758  -3.505 -2.822  1.00 0.00 ? 202 PHE B HD1 1 
ATOM   135 H HD2 . PHE B 1 2 ? 3.165  -0.126 -3.949  1.00 0.00 ? 202 PHE B HD2 1 
ATOM   136 H HE1 . PHE B 1 2 ? 0.081  -2.331 -0.749  1.00 0.00 ? 202 PHE B HE1 1 
ATOM   137 H HE2 . PHE B 1 2 ? 2.465  1.053  -1.886  1.00 0.00 ? 202 PHE B HE2 1 
ATOM   138 H HZ  . PHE B 1 2 ? 0.932  -0.049 -0.272  1.00 0.00 ? 202 PHE B HZ  1 
ATOM   139 N N   . PHE B 1 3 ? 4.270  -4.011 -6.819  1.00 0.00 ? 203 PHE B N   1 
ATOM   140 C CA  . PHE B 1 3 ? 4.738  -4.693 -8.047  1.00 0.00 ? 203 PHE B CA  1 
ATOM   141 C C   . PHE B 1 3 ? 3.656  -5.015 -9.099  1.00 0.00 ? 203 PHE B C   1 
ATOM   142 O O   . PHE B 1 3 ? 3.940  -5.723 -10.070 1.00 0.00 ? 203 PHE B O   1 
ATOM   143 C CB  . PHE B 1 3 ? 5.549  -5.962 -7.714  1.00 0.00 ? 203 PHE B CB  1 
ATOM   144 C CG  . PHE B 1 3 ? 6.067  -6.139 -6.294  1.00 0.00 ? 203 PHE B CG  1 
ATOM   145 C CD1 . PHE B 1 3 ? 6.728  -5.100 -5.618  1.00 0.00 ? 203 PHE B CD1 1 
ATOM   146 C CD2 . PHE B 1 3 ? 5.861  -7.368 -5.644  1.00 0.00 ? 203 PHE B CD2 1 
ATOM   147 C CE1 . PHE B 1 3 ? 7.120  -5.268 -4.282  1.00 0.00 ? 203 PHE B CE1 1 
ATOM   148 C CE2 . PHE B 1 3 ? 6.269  -7.544 -4.313  1.00 0.00 ? 203 PHE B CE2 1 
ATOM   149 C CZ  . PHE B 1 3 ? 6.883  -6.487 -3.626  1.00 0.00 ? 203 PHE B CZ  1 
ATOM   150 H H   . PHE B 1 3 ? 4.159  -3.009 -6.874  1.00 0.00 ? 203 PHE B H   1 
ATOM   151 H HA  . PHE B 1 3 ? 5.425  -4.003 -8.535  1.00 0.00 ? 203 PHE B HA  1 
ATOM   152 H HB2 . PHE B 1 3 ? 4.924  -6.824 -7.947  1.00 0.00 ? 203 PHE B HB2 1 
ATOM   153 H HB3 . PHE B 1 3 ? 6.403  -6.006 -8.390  1.00 0.00 ? 203 PHE B HB3 1 
ATOM   154 H HD1 . PHE B 1 3 ? 6.919  -4.159 -6.112  1.00 0.00 ? 203 PHE B HD1 1 
ATOM   155 H HD2 . PHE B 1 3 ? 5.367  -8.178 -6.160  1.00 0.00 ? 203 PHE B HD2 1 
ATOM   156 H HE1 . PHE B 1 3 ? 7.608  -4.460 -3.756  1.00 0.00 ? 203 PHE B HE1 1 
ATOM   157 H HE2 . PHE B 1 3 ? 6.093  -8.484 -3.814  1.00 0.00 ? 203 PHE B HE2 1 
ATOM   158 H HZ  . PHE B 1 3 ? 7.183  -6.615 -2.596  1.00 0.00 ? 203 PHE B HZ  1 
ATOM   159 N N   . TYR B 1 4 ? 2.446  -4.476 -8.932  1.00 0.00 ? 204 TYR B N   1 
ATOM   160 C CA  . TYR B 1 4 ? 1.374  -4.301 -9.917  1.00 0.00 ? 204 TYR B CA  1 
ATOM   161 C C   . TYR B 1 4 ? 1.715  -4.862 -11.311 1.00 0.00 ? 204 TYR B C   1 
ATOM   162 O O   . TYR B 1 4 ? 1.980  -6.073 -11.455 1.00 0.00 ? 204 TYR B O   1 
ATOM   163 C CB  . TYR B 1 4 ? 0.890  -2.841 -9.880  1.00 0.00 ? 204 TYR B CB  1 
ATOM   164 C CG  . TYR B 1 4 ? -0.010 -2.493 -8.700  1.00 0.00 ? 204 TYR B CG  1 
ATOM   165 C CD1 . TYR B 1 4 ? -0.226 -1.146 -8.353  1.00 0.00 ? 204 TYR B CD1 1 
ATOM   166 C CD2 . TYR B 1 4 ? -0.609 -3.515 -7.937  1.00 0.00 ? 204 TYR B CD2 1 
ATOM   167 C CE1 . TYR B 1 4 ? -1.010 -0.819 -7.228  1.00 0.00 ? 204 TYR B CE1 1 
ATOM   168 C CE2 . TYR B 1 4 ? -1.387 -3.193 -6.809  1.00 0.00 ? 204 TYR B CE2 1 
ATOM   169 C CZ  . TYR B 1 4 ? -1.581 -1.844 -6.446  1.00 0.00 ? 204 TYR B CZ  1 
ATOM   170 O OH  . TYR B 1 4 ? -2.307 -1.536 -5.343  1.00 0.00 ? 204 TYR B OH  1 
ATOM   171 O OXT . TYR B 1 4 ? 1.742  -4.058 -12.270 1.00 0.00 ? 204 TYR B OXT 1 
ATOM   172 H H   . TYR B 1 4 ? 2.230  -4.196 -7.986  1.00 0.00 ? 204 TYR B H   1 
ATOM   173 H HA  . TYR B 1 4 ? 0.537  -4.907 -9.571  1.00 0.00 ? 204 TYR B HA  1 
ATOM   174 H HB2 . TYR B 1 4 ? 1.757  -2.181 -9.861  1.00 0.00 ? 204 TYR B HB2 1 
ATOM   175 H HB3 . TYR B 1 4 ? 0.344  -2.631 -10.799 1.00 0.00 ? 204 TYR B HB3 1 
ATOM   176 H HD1 . TYR B 1 4 ? 0.230  -0.362 -8.939  1.00 0.00 ? 204 TYR B HD1 1 
ATOM   177 H HD2 . TYR B 1 4 ? -0.455 -4.550 -8.205  1.00 0.00 ? 204 TYR B HD2 1 
ATOM   178 H HE1 . TYR B 1 4 ? -1.162 0.214  -6.956  1.00 0.00 ? 204 TYR B HE1 1 
ATOM   179 H HE2 . TYR B 1 4 ? -1.833 -3.973 -6.209  1.00 0.00 ? 204 TYR B HE2 1 
ATOM   180 H HH  . TYR B 1 4 ? -2.327 -0.588 -5.193  1.00 0.00 ? 204 TYR B HH  1 
# 
